data_6Q3F
#
_entry.id   6Q3F
#
_cell.length_a   53.330
_cell.length_b   71.360
_cell.length_c   72.010
_cell.angle_alpha   90.00
_cell.angle_beta   90.00
_cell.angle_gamma   90.00
#
_symmetry.space_group_name_H-M   'P 21 21 21'
#
loop_
_entity.id
_entity.type
_entity.pdbx_description
1 polymer 'Cyclin-dependent kinase 2'
2 non-polymer 4-bromanylpyridin-2-amine
3 water water
#
_entity_poly.entity_id   1
_entity_poly.type   'polypeptide(L)'
_entity_poly.pdbx_seq_one_letter_code
;GPLGSPEFMENFQKVEKIGEGTYGVVYKARNKLTGEVVALKKIRLDTETEGVPSTAIREISLLKELNHPNIVKLLDVIHT
ENKLYLVFEFLHQDLKKFMDASALTGIPLPLIKSYLFQLLQGLAFCHSHRVLHRDLKPQNLLINTEGAIKLADFGLARAF
GVPVRTYTHEVVTLWYRAPEILLG(OCS)KYYSTAVDIWSLGCIFAEMVTRRALFPGDSEIDQLFRIFRTLGTPDEVVWP
GVTSMPDYKPSFPKWARQDFSKVVPPLDEDGRSLLSQMLHYDPNKRISAKAALAHPFFQDVTKPVPHLRL
;
_entity_poly.pdbx_strand_id   A
#
loop_
_chem_comp.id
_chem_comp.type
_chem_comp.name
_chem_comp.formula
HEW non-polymer 4-bromanylpyridin-2-amine 'C5 H5 Br N2'
#
# COMPACT_ATOMS: atom_id res chain seq x y z
N SER A 5 -28.94 8.47 -9.95
CA SER A 5 -29.36 7.30 -9.15
C SER A 5 -29.70 6.12 -10.07
N PRO A 6 -28.71 5.34 -10.53
CA PRO A 6 -28.95 4.20 -11.43
C PRO A 6 -29.92 3.17 -10.83
N GLU A 7 -30.70 2.54 -11.69
CA GLU A 7 -31.68 1.52 -11.23
C GLU A 7 -30.96 0.41 -10.49
N PHE A 8 -29.74 0.02 -10.85
CA PHE A 8 -29.14 -1.15 -10.17
C PHE A 8 -29.02 -0.93 -8.64
N MET A 9 -29.03 0.31 -8.16
N MET A 9 -29.03 0.32 -8.16
CA MET A 9 -28.95 0.57 -6.69
CA MET A 9 -28.96 0.57 -6.69
C MET A 9 -30.19 0.02 -5.99
C MET A 9 -30.18 -0.01 -5.98
N GLU A 10 -31.16 -0.45 -6.77
CA GLU A 10 -32.40 -1.04 -6.23
C GLU A 10 -32.03 -2.38 -5.58
N ASN A 11 -30.90 -2.94 -6.01
CA ASN A 11 -30.40 -4.23 -5.45
C ASN A 11 -29.97 -4.06 -3.98
N PHE A 12 -29.82 -2.83 -3.50
CA PHE A 12 -29.24 -2.54 -2.16
C PHE A 12 -30.30 -1.84 -1.29
N GLN A 13 -30.13 -1.98 0.03
CA GLN A 13 -31.04 -1.35 1.02
C GLN A 13 -30.40 -0.05 1.50
N LYS A 14 -29.50 -0.13 2.49
CA LYS A 14 -28.79 1.06 3.01
C LYS A 14 -27.60 1.34 2.09
N VAL A 15 -27.54 2.54 1.49
CA VAL A 15 -26.46 2.87 0.56
C VAL A 15 -25.93 4.17 1.11
N GLU A 16 -25.06 4.05 2.09
CA GLU A 16 -24.63 5.21 2.90
C GLU A 16 -23.19 5.60 2.48
N LYS A 17 -22.87 6.88 2.28
CA LYS A 17 -21.46 7.30 1.98
C LYS A 17 -20.58 7.10 3.24
N ILE A 18 -19.48 6.39 3.08
CA ILE A 18 -18.53 6.12 4.19
C ILE A 18 -17.18 6.75 3.90
N GLY A 19 -16.83 7.04 2.66
CA GLY A 19 -15.55 7.71 2.43
C GLY A 19 -15.37 8.23 1.01
N GLU A 20 -14.21 8.80 0.77
CA GLU A 20 -13.81 9.44 -0.51
C GLU A 20 -12.54 8.74 -0.95
N GLY A 21 -12.69 7.91 -1.97
CA GLY A 21 -11.53 7.13 -2.47
C GLY A 21 -10.73 7.88 -3.51
N THR A 22 -9.71 7.22 -4.01
CA THR A 22 -8.82 7.78 -5.08
C THR A 22 -9.69 8.15 -6.30
N TYR A 23 -10.65 7.27 -6.64
CA TYR A 23 -11.38 7.34 -7.92
C TYR A 23 -12.84 7.82 -7.80
N GLY A 24 -13.41 7.91 -6.60
CA GLY A 24 -14.85 8.22 -6.47
C GLY A 24 -15.25 7.96 -5.06
N VAL A 25 -16.52 8.16 -4.86
CA VAL A 25 -17.15 7.99 -3.53
C VAL A 25 -17.15 6.51 -3.20
N VAL A 26 -17.04 6.20 -1.93
CA VAL A 26 -17.15 4.84 -1.36
C VAL A 26 -18.38 4.80 -0.44
N TYR A 27 -19.25 3.86 -0.71
CA TYR A 27 -20.50 3.64 0.07
C TYR A 27 -20.36 2.32 0.81
N LYS A 28 -21.04 2.24 1.92
CA LYS A 28 -21.51 0.99 2.57
C LYS A 28 -22.90 0.66 2.09
N ALA A 29 -23.15 -0.55 1.72
CA ALA A 29 -24.44 -0.95 1.16
C ALA A 29 -24.77 -2.38 1.57
N ARG A 30 -26.08 -2.66 1.75
CA ARG A 30 -26.54 -4.04 1.98
C ARG A 30 -27.26 -4.57 0.75
N ASN A 31 -26.89 -5.75 0.26
CA ASN A 31 -27.69 -6.40 -0.80
C ASN A 31 -29.00 -6.94 -0.24
N LYS A 32 -30.18 -6.59 -0.81
CA LYS A 32 -31.55 -6.93 -0.29
C LYS A 32 -31.82 -8.44 -0.31
N LEU A 33 -31.32 -9.16 -1.34
CA LEU A 33 -31.62 -10.60 -1.64
C LEU A 33 -30.74 -11.51 -0.77
N THR A 34 -29.44 -11.17 -0.68
CA THR A 34 -28.36 -11.97 -0.03
C THR A 34 -28.10 -11.46 1.39
N GLY A 35 -28.39 -10.20 1.65
CA GLY A 35 -28.18 -9.59 2.98
C GLY A 35 -26.74 -9.17 3.22
N GLU A 36 -25.84 -9.34 2.26
CA GLU A 36 -24.39 -9.03 2.50
C GLU A 36 -24.09 -7.54 2.46
N VAL A 37 -23.36 -7.06 3.49
CA VAL A 37 -22.88 -5.66 3.57
C VAL A 37 -21.54 -5.60 2.81
N VAL A 38 -21.47 -4.63 1.91
CA VAL A 38 -20.34 -4.47 0.96
C VAL A 38 -19.94 -3.03 0.97
N ALA A 39 -18.71 -2.85 0.41
CA ALA A 39 -18.20 -1.52 0.04
C ALA A 39 -18.45 -1.33 -1.48
N LEU A 40 -19.13 -0.26 -1.86
CA LEU A 40 -19.47 0.08 -3.24
C LEU A 40 -18.61 1.31 -3.59
N LYS A 41 -17.74 1.15 -4.58
CA LYS A 41 -16.83 2.24 -5.04
C LYS A 41 -17.24 2.71 -6.43
N LYS A 42 -17.59 3.96 -6.55
CA LYS A 42 -17.82 4.61 -7.84
C LYS A 42 -16.46 5.01 -8.44
N ILE A 43 -16.27 4.73 -9.72
CA ILE A 43 -15.00 5.03 -10.43
C ILE A 43 -15.28 6.24 -11.36
N PRO A 53 -14.67 2.53 -21.17
CA PRO A 53 -13.18 2.51 -21.29
C PRO A 53 -12.77 1.02 -21.29
N SER A 54 -12.68 0.41 -22.48
CA SER A 54 -12.79 -1.07 -22.67
C SER A 54 -11.57 -1.82 -22.12
N THR A 55 -10.35 -1.30 -22.30
CA THR A 55 -9.15 -1.94 -21.71
C THR A 55 -9.29 -2.01 -20.15
N ALA A 56 -9.78 -0.92 -19.50
CA ALA A 56 -9.96 -0.84 -18.03
C ALA A 56 -10.93 -1.95 -17.60
N ILE A 57 -12.02 -2.15 -18.34
CA ILE A 57 -13.04 -3.18 -18.00
C ILE A 57 -12.42 -4.57 -18.00
N ARG A 58 -11.61 -4.87 -19.03
N ARG A 58 -11.61 -4.89 -19.02
CA ARG A 58 -10.96 -6.19 -19.17
CA ARG A 58 -10.98 -6.23 -19.11
C ARG A 58 -9.96 -6.37 -18.01
C ARG A 58 -9.94 -6.38 -17.98
N GLU A 59 -9.18 -5.32 -17.70
CA GLU A 59 -8.10 -5.38 -16.67
C GLU A 59 -8.80 -5.65 -15.34
N ILE A 60 -9.82 -4.84 -15.01
CA ILE A 60 -10.50 -4.90 -13.68
C ILE A 60 -11.33 -6.18 -13.49
N SER A 61 -11.85 -6.76 -14.57
CA SER A 61 -12.72 -7.96 -14.45
C SER A 61 -11.87 -9.16 -14.08
N LEU A 62 -10.61 -9.19 -14.58
CA LEU A 62 -9.70 -10.29 -14.27
C LEU A 62 -9.38 -10.32 -12.78
N LEU A 63 -9.49 -9.20 -12.09
CA LEU A 63 -9.13 -9.20 -10.64
C LEU A 63 -10.18 -9.96 -9.81
N LYS A 64 -11.38 -10.26 -10.35
CA LYS A 64 -12.39 -11.04 -9.60
C LYS A 64 -11.83 -12.43 -9.22
N GLU A 65 -10.83 -12.89 -9.98
CA GLU A 65 -10.25 -14.24 -9.76
C GLU A 65 -8.90 -14.15 -9.05
N LEU A 66 -8.66 -13.07 -8.30
CA LEU A 66 -7.37 -12.89 -7.54
C LEU A 66 -7.71 -12.92 -6.04
N ASN A 67 -8.06 -14.09 -5.50
CA ASN A 67 -8.59 -14.22 -4.15
C ASN A 67 -7.59 -14.73 -3.15
N HIS A 68 -7.46 -14.09 -2.04
CA HIS A 68 -6.52 -14.51 -0.98
C HIS A 68 -7.05 -13.94 0.34
N PRO A 69 -6.76 -14.57 1.49
CA PRO A 69 -7.24 -14.08 2.76
C PRO A 69 -6.76 -12.68 3.14
N ASN A 70 -5.62 -12.23 2.57
CA ASN A 70 -5.07 -10.91 2.91
C ASN A 70 -5.28 -9.90 1.80
N ILE A 71 -6.19 -10.17 0.88
CA ILE A 71 -6.59 -9.25 -0.19
C ILE A 71 -8.09 -8.97 -0.03
N VAL A 72 -8.50 -7.73 -0.06
CA VAL A 72 -9.93 -7.38 0.04
C VAL A 72 -10.58 -7.94 -1.23
N LYS A 73 -11.61 -8.77 -1.07
CA LYS A 73 -12.19 -9.49 -2.22
C LYS A 73 -12.98 -8.50 -3.12
N LEU A 74 -12.77 -8.55 -4.44
CA LEU A 74 -13.55 -7.85 -5.50
C LEU A 74 -14.70 -8.80 -5.87
N LEU A 75 -15.89 -8.44 -5.40
CA LEU A 75 -17.10 -9.28 -5.62
C LEU A 75 -17.64 -9.10 -7.04
N ASP A 76 -17.78 -7.87 -7.51
CA ASP A 76 -18.43 -7.58 -8.80
C ASP A 76 -17.97 -6.26 -9.41
N VAL A 77 -18.07 -6.20 -10.73
CA VAL A 77 -17.86 -5.00 -11.59
C VAL A 77 -19.22 -4.68 -12.18
N ILE A 78 -19.63 -3.43 -12.02
CA ILE A 78 -20.92 -2.98 -12.62
C ILE A 78 -20.61 -1.82 -13.59
N HIS A 79 -20.88 -1.97 -14.92
CA HIS A 79 -20.73 -0.89 -15.93
C HIS A 79 -22.14 -0.50 -16.42
N THR A 80 -22.61 0.72 -16.14
CA THR A 80 -24.00 1.11 -16.43
C THR A 80 -24.12 2.63 -16.62
N GLU A 81 -24.86 3.07 -17.65
CA GLU A 81 -25.04 4.52 -17.91
C GLU A 81 -23.67 5.19 -18.01
N ASN A 82 -22.72 4.55 -18.71
CA ASN A 82 -21.35 5.08 -18.90
C ASN A 82 -20.70 5.39 -17.54
N LYS A 83 -21.11 4.66 -16.49
CA LYS A 83 -20.51 4.86 -15.13
C LYS A 83 -20.01 3.52 -14.61
N LEU A 84 -18.96 3.44 -13.78
CA LEU A 84 -18.41 2.14 -13.31
C LEU A 84 -18.41 2.05 -11.79
N TYR A 85 -18.84 0.89 -11.25
CA TYR A 85 -18.90 0.62 -9.81
C TYR A 85 -18.24 -0.69 -9.47
N LEU A 86 -17.45 -0.69 -8.42
CA LEU A 86 -16.79 -1.92 -7.93
C LEU A 86 -17.40 -2.28 -6.59
N VAL A 87 -17.72 -3.55 -6.44
CA VAL A 87 -18.31 -4.06 -5.21
C VAL A 87 -17.22 -4.88 -4.51
N PHE A 88 -16.89 -4.50 -3.33
CA PHE A 88 -15.86 -5.18 -2.54
C PHE A 88 -16.41 -5.71 -1.22
N GLU A 89 -15.66 -6.66 -0.64
CA GLU A 89 -15.97 -7.13 0.73
C GLU A 89 -15.76 -5.93 1.66
N PHE A 90 -16.53 -5.83 2.73
CA PHE A 90 -16.50 -4.70 3.65
C PHE A 90 -15.68 -5.06 4.88
N LEU A 91 -14.80 -4.14 5.28
CA LEU A 91 -14.10 -4.23 6.58
C LEU A 91 -14.27 -2.90 7.29
N HIS A 92 -14.28 -2.94 8.62
CA HIS A 92 -14.75 -1.82 9.47
C HIS A 92 -13.73 -0.75 9.80
N GLN A 93 -12.44 -1.01 9.60
CA GLN A 93 -11.42 -0.03 10.01
C GLN A 93 -10.21 -0.13 9.07
N ASP A 94 -9.50 0.99 8.92
CA ASP A 94 -8.21 0.98 8.18
C ASP A 94 -7.08 1.22 9.17
N LEU A 95 -5.87 0.92 8.65
CA LEU A 95 -4.66 1.01 9.50
C LEU A 95 -4.34 2.47 9.86
N LYS A 96 -4.68 3.41 8.99
CA LYS A 96 -4.45 4.83 9.32
C LYS A 96 -5.22 5.18 10.59
N LYS A 97 -6.52 4.82 10.63
CA LYS A 97 -7.34 5.22 11.80
C LYS A 97 -6.87 4.45 13.03
N PHE A 98 -6.42 3.19 12.87
CA PHE A 98 -5.92 2.34 13.97
C PHE A 98 -4.61 2.89 14.52
N MET A 99 -3.77 3.39 13.61
CA MET A 99 -2.47 4.02 14.00
C MET A 99 -2.78 5.29 14.81
N ASP A 100 -3.72 6.12 14.32
CA ASP A 100 -4.11 7.36 15.06
C ASP A 100 -4.64 6.97 16.45
N ALA A 101 -5.54 5.96 16.50
CA ALA A 101 -6.18 5.45 17.75
C ALA A 101 -5.13 4.90 18.74
N SER A 102 -4.00 4.39 18.24
CA SER A 102 -2.93 3.67 18.99
C SER A 102 -1.72 4.59 19.31
N ALA A 103 -1.82 5.90 19.06
CA ALA A 103 -0.69 6.86 19.11
C ALA A 103 -0.11 7.00 20.53
N LEU A 104 -0.89 7.03 21.61
CA LEU A 104 -0.28 7.36 22.93
C LEU A 104 0.69 6.23 23.28
N THR A 105 0.35 4.98 23.00
CA THR A 105 1.23 3.85 23.44
C THR A 105 1.80 3.05 22.26
N GLY A 106 1.40 3.36 21.03
CA GLY A 106 1.89 2.62 19.83
C GLY A 106 1.25 1.24 19.67
N ILE A 107 1.19 0.73 18.47
CA ILE A 107 0.83 -0.68 18.18
C ILE A 107 1.86 -1.63 18.80
N PRO A 108 1.52 -2.64 19.61
CA PRO A 108 2.48 -3.59 20.17
C PRO A 108 3.30 -4.28 19.08
N LEU A 109 4.61 -4.47 19.31
CA LEU A 109 5.50 -5.13 18.31
C LEU A 109 4.88 -6.44 17.80
N PRO A 110 4.31 -7.33 18.67
CA PRO A 110 3.81 -8.60 18.13
C PRO A 110 2.68 -8.39 17.10
N LEU A 111 1.90 -7.32 17.26
CA LEU A 111 0.84 -7.03 16.30
C LEU A 111 1.39 -6.38 15.04
N ILE A 112 2.37 -5.47 15.20
CA ILE A 112 3.10 -4.95 13.98
C ILE A 112 3.63 -6.13 13.15
N LYS A 113 4.28 -7.05 13.86
CA LYS A 113 4.88 -8.22 13.21
C LYS A 113 3.86 -9.07 12.47
N SER A 114 2.72 -9.33 13.17
CA SER A 114 1.62 -10.09 12.57
C SER A 114 1.11 -9.38 11.30
N TYR A 115 0.89 -8.07 11.43
CA TYR A 115 0.37 -7.22 10.32
C TYR A 115 1.33 -7.28 9.13
N LEU A 116 2.61 -7.10 9.38
CA LEU A 116 3.62 -7.13 8.30
C LEU A 116 3.70 -8.49 7.62
N PHE A 117 3.67 -9.54 8.46
CA PHE A 117 3.72 -10.92 7.93
C PHE A 117 2.52 -11.18 6.99
N GLN A 118 1.33 -10.79 7.45
CA GLN A 118 0.10 -10.97 6.64
C GLN A 118 0.14 -10.16 5.35
N LEU A 119 0.59 -8.91 5.45
CA LEU A 119 0.63 -8.05 4.25
C LEU A 119 1.66 -8.62 3.23
N LEU A 120 2.80 -9.15 3.73
CA LEU A 120 3.76 -9.81 2.84
C LEU A 120 3.14 -11.03 2.17
N GLN A 121 2.28 -11.78 2.89
CA GLN A 121 1.56 -12.91 2.25
C GLN A 121 0.67 -12.40 1.12
N GLY A 122 -0.08 -11.34 1.35
CA GLY A 122 -0.92 -10.80 0.28
C GLY A 122 -0.13 -10.34 -0.91
N LEU A 123 1.01 -9.64 -0.65
CA LEU A 123 1.89 -9.21 -1.75
CA LEU A 123 1.84 -9.21 -1.79
C LEU A 123 2.43 -10.43 -2.53
N ALA A 124 2.90 -11.41 -1.77
CA ALA A 124 3.52 -12.59 -2.41
C ALA A 124 2.50 -13.25 -3.35
N PHE A 125 1.25 -13.34 -2.91
CA PHE A 125 0.16 -13.90 -3.74
C PHE A 125 -0.01 -13.05 -5.00
N CYS A 126 -0.26 -11.76 -4.82
CA CYS A 126 -0.58 -10.92 -6.00
C CYS A 126 0.63 -10.90 -6.96
N HIS A 127 1.85 -10.74 -6.41
CA HIS A 127 3.03 -10.70 -7.27
C HIS A 127 3.18 -12.00 -8.02
N SER A 128 2.85 -13.16 -7.42
CA SER A 128 3.00 -14.45 -8.08
C SER A 128 2.06 -14.53 -9.30
N HIS A 129 0.95 -13.77 -9.27
CA HIS A 129 -0.05 -13.69 -10.36
C HIS A 129 0.19 -12.49 -11.28
N ARG A 130 1.34 -11.83 -11.15
CA ARG A 130 1.70 -10.69 -12.03
C ARG A 130 0.79 -9.47 -11.82
N VAL A 131 0.34 -9.23 -10.58
CA VAL A 131 -0.48 -8.07 -10.26
C VAL A 131 0.29 -7.26 -9.24
N LEU A 132 0.25 -5.96 -9.47
CA LEU A 132 0.88 -4.94 -8.60
C LEU A 132 -0.16 -4.10 -7.90
N HIS A 133 0.16 -3.56 -6.76
CA HIS A 133 -0.71 -2.54 -6.17
C HIS A 133 -0.30 -1.19 -6.73
N ARG A 134 0.96 -0.78 -6.44
CA ARG A 134 1.50 0.52 -6.86
C ARG A 134 1.09 1.70 -6.02
N ASP A 135 0.07 1.62 -5.18
CA ASP A 135 -0.34 2.77 -4.35
C ASP A 135 -0.67 2.29 -2.95
N LEU A 136 0.15 1.48 -2.35
CA LEU A 136 -0.05 1.05 -0.98
C LEU A 136 0.06 2.22 -0.03
N LYS A 137 -0.77 2.25 1.00
CA LYS A 137 -0.74 3.34 1.98
C LYS A 137 -1.57 2.90 3.15
N PRO A 138 -1.41 3.45 4.34
CA PRO A 138 -2.19 2.96 5.48
C PRO A 138 -3.70 2.96 5.23
N GLN A 139 -4.20 3.94 4.49
CA GLN A 139 -5.66 4.05 4.27
C GLN A 139 -6.19 2.92 3.41
N ASN A 140 -5.42 2.14 2.68
CA ASN A 140 -5.91 0.96 1.96
C ASN A 140 -5.47 -0.34 2.56
N LEU A 141 -5.09 -0.31 3.80
CA LEU A 141 -4.88 -1.55 4.56
C LEU A 141 -5.97 -1.67 5.61
N LEU A 142 -6.82 -2.67 5.46
CA LEU A 142 -8.08 -2.77 6.25
C LEU A 142 -7.93 -3.86 7.26
N ILE A 143 -8.49 -3.67 8.46
CA ILE A 143 -8.30 -4.63 9.57
C ILE A 143 -9.71 -5.08 10.08
N ASN A 144 -9.71 -6.24 10.71
CA ASN A 144 -10.98 -6.73 11.35
C ASN A 144 -10.78 -7.12 12.79
N THR A 145 -11.82 -7.60 13.45
CA THR A 145 -11.61 -7.80 14.87
C THR A 145 -10.86 -9.08 15.18
N GLU A 146 -10.63 -9.96 14.19
CA GLU A 146 -10.07 -11.29 14.39
C GLU A 146 -8.52 -11.22 14.27
N GLY A 147 -7.91 -10.03 14.06
CA GLY A 147 -6.43 -9.88 13.92
C GLY A 147 -5.99 -9.97 12.49
N ALA A 148 -6.89 -10.00 11.51
CA ALA A 148 -6.47 -10.00 10.09
C ALA A 148 -6.29 -8.56 9.61
N ILE A 149 -5.45 -8.45 8.56
CA ILE A 149 -5.26 -7.22 7.79
C ILE A 149 -5.28 -7.61 6.33
N LYS A 150 -5.82 -6.76 5.49
CA LYS A 150 -6.03 -7.01 4.07
C LYS A 150 -5.69 -5.77 3.25
N LEU A 151 -5.11 -6.06 2.07
CA LEU A 151 -4.83 -4.95 1.14
C LEU A 151 -6.02 -4.70 0.21
N ALA A 152 -6.40 -3.45 0.17
CA ALA A 152 -7.50 -2.97 -0.67
C ALA A 152 -6.96 -2.30 -1.94
N ASP A 153 -7.63 -2.41 -3.05
CA ASP A 153 -7.39 -1.68 -4.30
C ASP A 153 -6.18 -2.24 -5.09
N PHE A 154 -5.77 -3.49 -4.86
CA PHE A 154 -4.76 -4.12 -5.74
C PHE A 154 -5.24 -4.10 -7.18
N GLY A 155 -4.34 -3.83 -8.11
CA GLY A 155 -4.60 -3.96 -9.54
C GLY A 155 -5.26 -2.77 -10.15
N LEU A 156 -5.80 -1.86 -9.34
CA LEU A 156 -6.56 -0.74 -9.89
C LEU A 156 -5.64 0.23 -10.63
N ALA A 157 -4.43 0.44 -10.15
CA ALA A 157 -3.48 1.37 -10.80
C ALA A 157 -3.24 0.95 -12.25
N ARG A 158 -3.02 -0.34 -12.52
CA ARG A 158 -2.79 -0.83 -13.91
C ARG A 158 -4.02 -0.53 -14.76
N ALA A 159 -5.22 -0.74 -14.19
CA ALA A 159 -6.52 -0.50 -14.88
C ALA A 159 -6.80 0.99 -15.07
N PHE A 160 -6.61 1.86 -14.07
CA PHE A 160 -7.04 3.27 -14.26
C PHE A 160 -6.04 4.36 -13.87
N GLY A 161 -4.75 4.03 -13.72
CA GLY A 161 -3.71 5.04 -13.41
C GLY A 161 -3.77 5.45 -11.95
N VAL A 162 -2.77 6.17 -11.49
CA VAL A 162 -2.72 6.82 -10.14
C VAL A 162 -2.64 8.30 -10.45
N PRO A 163 -3.69 9.06 -10.16
CA PRO A 163 -3.71 10.49 -10.48
C PRO A 163 -2.91 11.34 -9.48
N VAL A 164 -2.68 12.60 -9.82
CA VAL A 164 -2.02 13.55 -8.90
C VAL A 164 -3.02 13.93 -7.78
N ARG A 165 -4.26 14.21 -8.19
CA ARG A 165 -5.33 14.63 -7.24
C ARG A 165 -6.57 13.76 -7.47
N THR A 166 -7.21 13.37 -6.36
CA THR A 166 -8.44 12.53 -6.38
C THR A 166 -9.56 13.31 -7.05
N TYR A 167 -10.67 12.64 -7.24
CA TYR A 167 -11.94 13.19 -7.77
C TYR A 167 -12.36 14.41 -6.94
N THR A 168 -11.98 14.51 -5.67
CA THR A 168 -12.38 15.59 -4.70
C THR A 168 -11.31 16.70 -4.67
N HIS A 169 -10.25 16.52 -5.48
CA HIS A 169 -9.06 17.41 -5.60
C HIS A 169 -8.09 17.15 -4.46
N GLU A 170 -8.32 16.18 -3.60
CA GLU A 170 -7.36 15.80 -2.53
C GLU A 170 -6.04 15.36 -3.18
N VAL A 171 -4.93 15.68 -2.54
CA VAL A 171 -3.60 15.28 -3.02
C VAL A 171 -3.40 13.80 -2.73
N VAL A 172 -3.05 13.06 -3.77
CA VAL A 172 -2.68 11.64 -3.58
C VAL A 172 -1.31 11.59 -2.93
N THR A 173 -1.15 10.93 -1.81
CA THR A 173 0.09 10.97 -1.03
C THR A 173 1.28 10.39 -1.84
N LEU A 174 2.44 11.01 -1.70
CA LEU A 174 3.73 10.53 -2.29
C LEU A 174 4.51 9.78 -1.25
N TRP A 175 4.07 9.72 0.00
CA TRP A 175 4.94 9.31 1.11
C TRP A 175 5.46 7.90 0.95
N TYR A 176 4.75 7.05 0.27
CA TYR A 176 5.07 5.63 0.16
C TYR A 176 5.63 5.28 -1.22
N ARG A 177 5.91 6.28 -2.03
CA ARG A 177 6.29 6.03 -3.41
C ARG A 177 7.76 5.64 -3.54
N ALA A 178 8.03 4.56 -4.27
CA ALA A 178 9.38 4.09 -4.51
C ALA A 178 10.21 5.08 -5.35
N PRO A 179 11.58 5.07 -5.10
CA PRO A 179 12.43 6.05 -5.76
C PRO A 179 12.48 5.85 -7.26
N GLU A 180 12.36 4.62 -7.74
CA GLU A 180 12.40 4.42 -9.20
C GLU A 180 11.21 5.09 -9.87
N ILE A 181 10.02 5.14 -9.17
CA ILE A 181 8.88 5.85 -9.75
C ILE A 181 9.21 7.35 -9.81
N LEU A 182 9.69 7.88 -8.73
CA LEU A 182 9.99 9.32 -8.63
C LEU A 182 11.08 9.72 -9.64
N LEU A 183 12.02 8.81 -9.97
CA LEU A 183 13.12 9.10 -10.91
C LEU A 183 12.72 8.82 -12.34
N GLY A 184 11.49 8.42 -12.63
CA GLY A 184 10.99 8.38 -14.00
C GLY A 184 11.11 7.02 -14.67
N OCS A 185 11.43 5.94 -13.93
CA OCS A 185 11.48 4.63 -14.54
CB OCS A 185 11.92 3.61 -13.54
SG OCS A 185 12.39 2.00 -14.02
C OCS A 185 10.11 4.34 -15.16
O OCS A 185 9.09 4.57 -14.49
OD1 OCS A 185 11.66 1.43 -15.08
OD2 OCS A 185 13.56 2.15 -14.90
OD3 OCS A 185 12.82 1.18 -12.73
N LYS A 186 10.06 3.81 -16.36
CA LYS A 186 8.85 3.50 -17.09
C LYS A 186 8.29 2.12 -16.68
N TYR A 187 9.17 1.18 -16.32
CA TYR A 187 8.94 -0.28 -16.24
C TYR A 187 9.17 -0.78 -14.84
N TYR A 188 8.87 0.03 -13.86
CA TYR A 188 8.94 -0.45 -12.46
C TYR A 188 7.92 -1.59 -12.23
N SER A 189 8.16 -2.41 -11.23
CA SER A 189 7.44 -3.64 -11.01
C SER A 189 7.27 -3.95 -9.52
N THR A 190 7.24 -5.25 -9.18
CA THR A 190 6.70 -5.63 -7.86
C THR A 190 7.53 -5.06 -6.72
N ALA A 191 8.79 -4.68 -6.94
CA ALA A 191 9.59 -4.06 -5.87
C ALA A 191 8.96 -2.76 -5.36
N VAL A 192 8.15 -2.09 -6.19
CA VAL A 192 7.58 -0.82 -5.68
C VAL A 192 6.68 -1.08 -4.46
N ASP A 193 6.02 -2.22 -4.44
CA ASP A 193 5.13 -2.52 -3.33
C ASP A 193 5.85 -2.88 -2.06
N ILE A 194 7.06 -3.53 -2.24
CA ILE A 194 7.92 -3.80 -1.06
C ILE A 194 8.40 -2.48 -0.40
N TRP A 195 8.83 -1.53 -1.27
CA TRP A 195 9.23 -0.23 -0.75
C TRP A 195 8.12 0.40 0.11
N SER A 196 6.91 0.44 -0.48
CA SER A 196 5.78 1.07 0.24
C SER A 196 5.53 0.36 1.57
N LEU A 197 5.54 -0.96 1.51
CA LEU A 197 5.29 -1.69 2.78
C LEU A 197 6.39 -1.45 3.80
N GLY A 198 7.68 -1.29 3.33
CA GLY A 198 8.74 -0.93 4.28
C GLY A 198 8.50 0.43 4.97
N CYS A 199 8.04 1.38 4.17
CA CYS A 199 7.74 2.69 4.71
C CYS A 199 6.59 2.59 5.79
N ILE A 200 5.61 1.71 5.51
CA ILE A 200 4.47 1.51 6.44
C ILE A 200 4.95 0.82 7.70
N PHE A 201 5.81 -0.19 7.55
CA PHE A 201 6.41 -0.86 8.69
C PHE A 201 7.07 0.17 9.62
N ALA A 202 7.95 1.00 9.05
CA ALA A 202 8.63 2.03 9.85
C ALA A 202 7.66 2.96 10.60
N GLU A 203 6.58 3.33 9.89
CA GLU A 203 5.57 4.23 10.51
C GLU A 203 4.87 3.52 11.68
N MET A 204 4.55 2.25 11.50
CA MET A 204 3.92 1.54 12.63
C MET A 204 4.85 1.53 13.84
N VAL A 205 6.15 1.33 13.64
CA VAL A 205 7.10 1.22 14.75
C VAL A 205 7.33 2.59 15.41
N THR A 206 7.56 3.64 14.63
CA THR A 206 7.92 4.95 15.19
C THR A 206 6.77 5.88 15.52
N ARG A 207 5.61 5.58 14.92
CA ARG A 207 4.39 6.39 15.05
C ARG A 207 4.50 7.71 14.29
N ARG A 208 5.38 7.77 13.29
CA ARG A 208 5.50 8.96 12.43
C ARG A 208 5.81 8.48 11.04
N ALA A 209 5.31 9.14 10.01
CA ALA A 209 5.65 8.78 8.62
C ALA A 209 7.16 8.83 8.45
N LEU A 210 7.69 7.92 7.67
CA LEU A 210 9.14 7.85 7.43
C LEU A 210 9.56 8.98 6.50
N PHE A 211 8.91 9.17 5.39
CA PHE A 211 9.29 10.13 4.34
C PHE A 211 8.03 10.94 3.94
N PRO A 212 7.63 11.94 4.78
CA PRO A 212 6.39 12.69 4.47
C PRO A 212 6.64 13.85 3.52
N GLY A 213 6.94 13.50 2.27
CA GLY A 213 7.19 14.53 1.26
C GLY A 213 5.92 15.26 0.84
N ASP A 214 6.08 16.46 0.42
CA ASP A 214 4.91 17.25 -0.01
C ASP A 214 5.06 17.75 -1.44
N SER A 215 6.01 17.17 -2.17
CA SER A 215 6.19 17.34 -3.62
C SER A 215 7.13 16.24 -4.06
N GLU A 216 7.24 16.07 -5.36
CA GLU A 216 8.11 14.96 -5.82
C GLU A 216 9.57 15.17 -5.38
N ILE A 217 10.08 16.42 -5.48
CA ILE A 217 11.49 16.65 -5.12
C ILE A 217 11.64 16.57 -3.63
N ASP A 218 10.65 17.02 -2.84
CA ASP A 218 10.80 16.90 -1.40
C ASP A 218 10.77 15.43 -1.00
N GLN A 219 9.90 14.63 -1.64
CA GLN A 219 9.89 13.22 -1.37
C GLN A 219 11.25 12.57 -1.62
N LEU A 220 11.81 12.85 -2.80
CA LEU A 220 13.12 12.28 -3.23
C LEU A 220 14.25 12.72 -2.29
N PHE A 221 14.23 13.99 -1.86
CA PHE A 221 15.30 14.54 -0.99
C PHE A 221 15.15 14.02 0.44
N ARG A 222 13.89 13.73 0.82
CA ARG A 222 13.60 13.14 2.15
C ARG A 222 14.25 11.74 2.18
N ILE A 223 14.00 10.93 1.14
CA ILE A 223 14.60 9.60 1.02
C ILE A 223 16.16 9.71 1.05
N PHE A 224 16.70 10.62 0.24
CA PHE A 224 18.17 10.83 0.11
C PHE A 224 18.80 11.19 1.45
N ARG A 225 18.14 12.05 2.24
CA ARG A 225 18.72 12.48 3.53
C ARG A 225 18.78 11.33 4.53
N THR A 226 17.89 10.37 4.44
CA THR A 226 17.93 9.20 5.36
C THR A 226 18.83 8.07 4.80
N LEU A 227 18.66 7.74 3.55
CA LEU A 227 19.31 6.54 2.98
C LEU A 227 20.61 6.87 2.20
N GLY A 228 20.92 8.12 2.06
CA GLY A 228 22.07 8.62 1.28
C GLY A 228 21.62 8.92 -0.15
N THR A 229 22.22 9.92 -0.79
CA THR A 229 21.91 10.12 -2.19
C THR A 229 22.38 8.90 -2.96
N PRO A 230 21.58 8.29 -3.82
CA PRO A 230 21.99 7.13 -4.53
C PRO A 230 23.03 7.48 -5.61
N ASP A 231 23.89 6.51 -5.86
CA ASP A 231 24.95 6.64 -6.85
C ASP A 231 25.11 5.30 -7.55
N GLU A 232 26.07 5.29 -8.48
CA GLU A 232 26.25 4.09 -9.29
C GLU A 232 26.78 2.93 -8.46
N VAL A 233 27.37 3.17 -7.30
CA VAL A 233 27.89 2.08 -6.45
C VAL A 233 26.67 1.30 -5.87
N VAL A 234 25.71 1.99 -5.29
CA VAL A 234 24.55 1.30 -4.63
C VAL A 234 23.47 0.96 -5.64
N TRP A 235 23.42 1.68 -6.74
CA TRP A 235 22.31 1.55 -7.72
C TRP A 235 22.83 1.72 -9.14
N PRO A 236 23.39 0.65 -9.68
CA PRO A 236 23.94 0.74 -11.04
C PRO A 236 22.85 1.21 -12.00
N GLY A 237 23.15 2.19 -12.82
CA GLY A 237 22.17 2.71 -13.79
C GLY A 237 21.39 3.93 -13.29
N VAL A 238 21.50 4.27 -12.00
CA VAL A 238 20.59 5.32 -11.46
C VAL A 238 20.86 6.65 -12.17
N THR A 239 22.15 6.94 -12.50
CA THR A 239 22.50 8.27 -13.08
C THR A 239 21.95 8.43 -14.49
N SER A 240 21.46 7.37 -15.11
CA SER A 240 20.85 7.42 -16.45
C SER A 240 19.31 7.40 -16.38
N MET A 241 18.74 7.55 -15.20
N MET A 241 18.73 7.48 -15.19
CA MET A 241 17.26 7.54 -15.12
CA MET A 241 17.24 7.52 -15.05
C MET A 241 16.72 8.89 -15.57
C MET A 241 16.73 8.87 -15.57
N PRO A 242 15.50 8.91 -16.18
CA PRO A 242 14.98 10.11 -16.84
C PRO A 242 15.04 11.39 -16.00
N ASP A 243 14.71 11.28 -14.70
CA ASP A 243 14.55 12.46 -13.86
C ASP A 243 15.70 12.57 -12.87
N TYR A 244 16.76 11.78 -13.03
CA TYR A 244 18.00 11.96 -12.23
C TYR A 244 18.73 13.23 -12.70
N LYS A 245 19.20 14.01 -11.74
CA LYS A 245 20.01 15.19 -12.09
CA LYS A 245 19.97 15.25 -11.97
C LYS A 245 21.31 15.09 -11.30
N PRO A 246 22.45 15.32 -12.02
CA PRO A 246 23.73 15.35 -11.39
C PRO A 246 23.90 16.39 -10.29
N SER A 247 23.03 17.43 -10.33
CA SER A 247 23.00 18.49 -9.34
C SER A 247 22.22 18.12 -8.07
N PHE A 248 21.74 16.88 -7.94
CA PHE A 248 21.05 16.55 -6.66
C PHE A 248 22.08 16.57 -5.53
N PRO A 249 21.84 17.27 -4.38
CA PRO A 249 22.77 17.26 -3.26
C PRO A 249 23.15 15.84 -2.83
N LYS A 250 24.37 15.70 -2.32
CA LYS A 250 24.95 14.39 -1.92
C LYS A 250 24.89 14.31 -0.39
N TRP A 251 23.94 13.59 0.12
CA TRP A 251 23.73 13.33 1.55
C TRP A 251 24.30 11.98 1.89
N ALA A 252 24.95 11.92 3.06
CA ALA A 252 25.38 10.64 3.66
C ALA A 252 24.21 9.82 4.21
N ARG A 253 24.37 8.50 4.21
CA ARG A 253 23.28 7.59 4.71
C ARG A 253 23.32 7.49 6.24
N GLN A 254 22.13 7.46 6.87
CA GLN A 254 22.02 7.38 8.35
C GLN A 254 21.72 5.93 8.78
N ASP A 255 22.21 5.57 9.98
CA ASP A 255 22.02 4.26 10.62
C ASP A 255 20.55 4.05 10.88
N PHE A 256 20.02 2.85 10.57
CA PHE A 256 18.62 2.53 10.93
C PHE A 256 18.38 2.56 12.41
N SER A 257 19.43 2.40 13.23
CA SER A 257 19.30 2.47 14.68
C SER A 257 18.80 3.85 15.04
N LYS A 258 19.08 4.87 14.23
CA LYS A 258 18.55 6.22 14.52
CA LYS A 258 18.58 6.24 14.49
C LYS A 258 17.18 6.45 13.90
N VAL A 259 16.97 5.78 12.81
CA VAL A 259 15.75 5.97 11.97
C VAL A 259 14.52 5.30 12.61
N VAL A 260 14.62 4.06 13.06
CA VAL A 260 13.44 3.31 13.58
C VAL A 260 13.72 2.71 14.95
N PRO A 261 14.25 3.49 15.91
CA PRO A 261 14.25 2.97 17.28
C PRO A 261 12.80 2.78 17.77
N PRO A 262 12.44 1.76 18.60
CA PRO A 262 13.35 0.77 19.19
C PRO A 262 13.39 -0.61 18.50
N LEU A 263 13.23 -0.62 17.20
CA LEU A 263 13.21 -1.87 16.46
C LEU A 263 14.55 -2.62 16.61
N ASP A 264 14.48 -3.90 16.83
CA ASP A 264 15.62 -4.80 17.03
C ASP A 264 16.34 -5.05 15.72
N GLU A 265 17.52 -5.69 15.87
CA GLU A 265 18.37 -5.92 14.69
C GLU A 265 17.71 -6.77 13.62
N ASP A 266 16.83 -7.68 14.04
CA ASP A 266 16.10 -8.57 13.10
C ASP A 266 15.17 -7.71 12.23
N GLY A 267 14.44 -6.77 12.84
CA GLY A 267 13.53 -5.88 12.11
C GLY A 267 14.27 -4.83 11.28
N ARG A 268 15.38 -4.31 11.83
CA ARG A 268 16.17 -3.31 11.11
C ARG A 268 16.79 -3.95 9.85
N SER A 269 17.25 -5.21 9.97
CA SER A 269 17.84 -5.93 8.83
C SER A 269 16.78 -6.06 7.73
N LEU A 270 15.56 -6.54 8.13
CA LEU A 270 14.49 -6.72 7.11
C LEU A 270 14.13 -5.35 6.48
N LEU A 271 13.96 -4.31 7.33
CA LEU A 271 13.58 -3.00 6.81
C LEU A 271 14.62 -2.51 5.78
N SER A 272 15.91 -2.70 6.11
CA SER A 272 16.99 -2.24 5.20
CA SER A 272 16.98 -2.21 5.20
C SER A 272 16.87 -2.96 3.85
N GLN A 273 16.50 -4.25 3.86
CA GLN A 273 16.35 -4.99 2.62
C GLN A 273 15.14 -4.55 1.80
N MET A 274 14.06 -4.11 2.53
CA MET A 274 12.85 -3.58 1.87
C MET A 274 13.02 -2.20 1.29
N LEU A 275 14.08 -1.49 1.77
CA LEU A 275 14.32 -0.12 1.35
C LEU A 275 15.63 -0.03 0.54
N HIS A 276 16.14 -1.14 0.00
CA HIS A 276 17.29 -1.03 -0.94
C HIS A 276 16.90 -0.17 -2.11
N TYR A 277 17.86 0.69 -2.54
CA TYR A 277 17.58 1.54 -3.70
C TYR A 277 17.35 0.72 -4.97
N ASP A 278 18.27 -0.22 -5.24
CA ASP A 278 18.20 -0.96 -6.51
C ASP A 278 17.01 -1.90 -6.45
N PRO A 279 15.99 -1.73 -7.32
CA PRO A 279 14.81 -2.59 -7.21
C PRO A 279 15.13 -4.05 -7.44
N ASN A 280 16.30 -4.41 -7.98
N ASN A 280 16.14 -4.29 -8.30
CA ASN A 280 16.62 -5.85 -8.23
CA ASN A 280 16.59 -5.68 -8.53
C ASN A 280 17.23 -6.47 -7.01
C ASN A 280 17.13 -6.32 -7.22
N LYS A 281 17.76 -5.61 -6.21
CA LYS A 281 18.37 -6.02 -4.91
C LYS A 281 17.29 -6.07 -3.80
N ARG A 282 16.26 -5.26 -3.91
CA ARG A 282 15.22 -5.15 -2.86
C ARG A 282 14.63 -6.55 -2.62
N ILE A 283 14.43 -6.86 -1.36
CA ILE A 283 13.92 -8.20 -1.05
C ILE A 283 12.51 -8.40 -1.67
N SER A 284 12.23 -9.61 -2.12
CA SER A 284 10.89 -10.03 -2.58
C SER A 284 10.01 -10.30 -1.39
N ALA A 285 8.67 -10.29 -1.60
CA ALA A 285 7.72 -10.64 -0.53
C ALA A 285 7.97 -12.07 -0.07
N LYS A 286 8.16 -12.99 -1.04
CA LYS A 286 8.37 -14.41 -0.76
C LYS A 286 9.59 -14.55 0.17
N ALA A 287 10.73 -13.90 -0.21
CA ALA A 287 11.96 -14.01 0.60
C ALA A 287 11.79 -13.33 1.96
N ALA A 288 11.06 -12.21 2.01
CA ALA A 288 10.84 -11.53 3.29
C ALA A 288 10.10 -12.44 4.29
N LEU A 289 9.18 -13.28 3.77
CA LEU A 289 8.41 -14.19 4.68
C LEU A 289 9.37 -15.15 5.42
N ALA A 290 10.55 -15.47 4.82
CA ALA A 290 11.54 -16.39 5.40
C ALA A 290 12.54 -15.66 6.32
N HIS A 291 12.43 -14.37 6.50
CA HIS A 291 13.38 -13.58 7.28
C HIS A 291 13.34 -13.99 8.73
N PRO A 292 14.48 -14.00 9.46
CA PRO A 292 14.45 -14.31 10.89
C PRO A 292 13.52 -13.46 11.74
N PHE A 293 13.23 -12.26 11.30
CA PHE A 293 12.29 -11.39 12.06
C PHE A 293 10.95 -12.15 12.34
N PHE A 294 10.55 -13.05 11.45
CA PHE A 294 9.24 -13.76 11.58
C PHE A 294 9.35 -15.11 12.26
N GLN A 295 10.52 -15.42 12.86
CA GLN A 295 10.67 -16.72 13.54
C GLN A 295 9.64 -16.86 14.68
N ASP A 296 9.36 -15.79 15.41
CA ASP A 296 8.43 -15.85 16.56
C ASP A 296 7.10 -15.15 16.25
N VAL A 297 6.70 -15.08 15.02
CA VAL A 297 5.41 -14.43 14.66
C VAL A 297 4.22 -15.19 15.26
N THR A 298 3.24 -14.40 15.68
CA THR A 298 1.97 -14.84 16.27
C THR A 298 0.87 -14.02 15.62
N LYS A 299 -0.36 -14.30 16.01
CA LYS A 299 -1.53 -13.56 15.48
C LYS A 299 -2.31 -13.02 16.68
N PRO A 300 -1.94 -11.88 17.29
CA PRO A 300 -2.67 -11.30 18.38
C PRO A 300 -3.94 -10.65 17.83
N VAL A 301 -4.86 -10.45 18.77
CA VAL A 301 -6.21 -9.79 18.55
CA VAL A 301 -6.09 -9.74 18.37
C VAL A 301 -6.10 -8.31 18.93
N PRO A 302 -6.35 -7.35 18.05
CA PRO A 302 -6.25 -5.92 18.36
C PRO A 302 -7.47 -5.51 19.19
N HIS A 303 -7.34 -4.52 20.04
CA HIS A 303 -8.51 -3.87 20.66
C HIS A 303 -9.12 -2.93 19.63
N LEU A 304 -10.26 -3.33 19.05
CA LEU A 304 -10.99 -2.41 18.15
C LEU A 304 -12.27 -1.91 18.80
N ARG A 305 -12.54 -0.62 18.60
CA ARG A 305 -13.78 0.04 18.99
C ARG A 305 -14.45 0.44 17.67
N LEU A 306 -15.58 -0.20 17.35
CA LEU A 306 -16.33 0.09 16.10
C LEU A 306 -17.66 0.77 16.44
C4 HEW B . 1.44 1.35 -14.66
C5 HEW B . 2.32 1.86 -15.57
N1 HEW B . 5.43 0.22 -14.80
N2 HEW B . 3.62 1.48 -15.64
C3 HEW B . 1.91 0.41 -13.76
C1 HEW B . 4.11 0.56 -14.72
C2 HEW B . 3.24 0.00 -13.76
BR1 HEW B . 0.70 -0.29 -12.49
#